data_4GGZ
#
_entry.id   4GGZ
#
_cell.length_a   119.067
_cell.length_b   95.434
_cell.length_c   49.947
_cell.angle_alpha   90.00
_cell.angle_beta   113.58
_cell.angle_gamma   90.00
#
_symmetry.space_group_name_H-M   'C 1 2 1'
#
loop_
_entity.id
_entity.type
_entity.pdbx_description
1 polymer 'Bradavidin 2'
2 non-polymer BIOTIN
3 water water
#
_entity_poly.entity_id   1
_entity_poly.type   'polypeptide(L)'
_entity_poly.pdbx_seq_one_letter_code
;QTVEAMAQGLPAPSYWKNERGSELLIWSANSGTIQGTFTNHAQGFACQGIPYPAAGSVSPTGLYFVVTFAQCNSFTRWVG
TIKGSQMPTSWTLFYVDNKGKPSRLKGGDIFTRVW
;
_entity_poly.pdbx_strand_id   A,B,C,D
#
# COMPACT_ATOMS: atom_id res chain seq x y z
N LEU A 10 1.49 9.65 -21.70
CA LEU A 10 2.28 9.08 -20.55
C LEU A 10 2.36 7.56 -20.52
N PRO A 11 3.57 6.99 -20.75
CA PRO A 11 3.71 5.54 -20.67
C PRO A 11 3.47 4.99 -19.24
N ALA A 12 2.76 3.87 -19.13
CA ALA A 12 2.50 3.25 -17.85
C ALA A 12 2.47 1.72 -18.02
N PRO A 13 3.16 0.98 -17.12
CA PRO A 13 3.96 1.54 -16.01
C PRO A 13 5.22 2.15 -16.56
N SER A 14 5.78 3.09 -15.80
CA SER A 14 7.05 3.71 -16.16
C SER A 14 7.70 4.26 -14.89
N TYR A 15 8.98 4.64 -14.97
CA TYR A 15 9.68 4.94 -13.74
C TYR A 15 10.58 6.07 -14.09
N TRP A 16 10.59 7.09 -13.23
CA TRP A 16 11.29 8.33 -13.52
C TRP A 16 12.01 8.80 -12.29
N LYS A 17 13.11 9.54 -12.47
CA LYS A 17 13.82 10.09 -11.33
C LYS A 17 14.08 11.54 -11.62
N ASN A 18 14.11 12.40 -10.60
CA ASN A 18 14.34 13.82 -10.91
C ASN A 18 15.77 14.20 -10.56
N GLU A 19 16.12 15.46 -10.77
CA GLU A 19 17.53 15.87 -10.58
C GLU A 19 17.97 15.85 -9.14
N ARG A 20 17.00 15.78 -8.22
CA ARG A 20 17.31 15.79 -6.79
C ARG A 20 17.52 14.37 -6.26
N GLY A 21 17.18 13.38 -7.10
CA GLY A 21 17.33 11.98 -6.80
C GLY A 21 16.01 11.30 -6.48
N SER A 22 14.93 12.07 -6.49
CA SER A 22 13.63 11.51 -6.06
C SER A 22 13.05 10.58 -7.13
N GLU A 23 12.13 9.67 -6.76
CA GLU A 23 11.74 8.57 -7.66
C GLU A 23 10.23 8.65 -7.85
N LEU A 24 9.75 8.54 -9.09
CA LEU A 24 8.32 8.54 -9.36
C LEU A 24 8.00 7.31 -10.18
N LEU A 25 7.13 6.44 -9.65
CA LEU A 25 6.77 5.23 -10.33
C LEU A 25 5.37 5.47 -10.79
N ILE A 26 5.12 5.42 -12.09
CA ILE A 26 3.77 5.57 -12.63
C ILE A 26 3.24 4.19 -12.90
N TRP A 27 2.22 3.78 -12.15
CA TRP A 27 1.75 2.40 -12.32
C TRP A 27 0.70 2.30 -13.40
N SER A 28 -0.22 3.25 -13.44
CA SER A 28 -1.24 3.26 -14.49
C SER A 28 -1.64 4.68 -14.81
N ALA A 29 -2.27 4.84 -15.96
CA ALA A 29 -2.83 6.12 -16.37
C ALA A 29 -4.20 5.90 -16.98
N ASN A 30 -4.96 5.02 -16.38
CA ASN A 30 -6.30 4.69 -16.89
C ASN A 30 -7.31 5.84 -16.90
N SER A 31 -7.94 6.06 -18.05
CA SER A 31 -8.86 7.18 -18.29
C SER A 31 -8.20 8.52 -18.05
N GLY A 32 -6.87 8.57 -18.14
CA GLY A 32 -6.16 9.82 -17.91
C GLY A 32 -5.83 10.13 -16.46
N THR A 33 -6.24 9.25 -15.54
CA THR A 33 -5.92 9.43 -14.11
CA THR A 33 -5.96 9.39 -14.11
C THR A 33 -4.66 8.69 -13.76
N ILE A 34 -3.66 9.44 -13.33
CA ILE A 34 -2.36 8.87 -13.00
C ILE A 34 -2.43 8.26 -11.63
N GLN A 35 -1.94 7.02 -11.50
CA GLN A 35 -1.82 6.35 -10.21
C GLN A 35 -0.42 5.78 -10.06
N GLY A 36 0.23 6.14 -8.97
CA GLY A 36 1.62 5.68 -8.77
C GLY A 36 2.15 5.87 -7.37
N THR A 37 3.49 5.99 -7.28
CA THR A 37 4.13 6.08 -5.99
CA THR A 37 4.14 6.11 -5.98
C THR A 37 5.33 7.04 -6.14
N PHE A 38 5.51 7.89 -5.15
CA PHE A 38 6.64 8.84 -5.18
C PHE A 38 7.46 8.62 -3.92
N THR A 39 8.80 8.65 -4.04
CA THR A 39 9.61 8.70 -2.83
C THR A 39 10.68 9.77 -2.90
N ASN A 40 10.64 10.63 -1.90
CA ASN A 40 11.59 11.77 -1.86
C ASN A 40 12.98 11.31 -1.55
N HIS A 41 13.97 11.92 -2.21
CA HIS A 41 15.36 11.76 -1.82
C HIS A 41 16.04 13.11 -1.91
N ALA A 42 15.23 14.17 -1.95
CA ALA A 42 15.74 15.53 -2.14
C ALA A 42 16.44 16.09 -0.93
N GLN A 43 17.66 16.59 -1.14
CA GLN A 43 18.31 17.25 -0.04
C GLN A 43 17.57 18.54 0.33
N GLY A 44 17.41 18.74 1.63
CA GLY A 44 16.78 19.94 2.14
C GLY A 44 15.30 19.73 2.45
N PHE A 45 14.83 18.48 2.32
CA PHE A 45 13.43 18.10 2.58
C PHE A 45 13.38 16.85 3.47
N ALA A 46 12.23 16.61 4.09
CA ALA A 46 12.07 15.49 5.02
C ALA A 46 11.33 14.31 4.34
N CYS A 47 10.93 13.32 5.13
CA CYS A 47 10.24 12.13 4.59
C CYS A 47 11.08 11.40 3.52
N GLN A 48 12.40 11.42 3.71
CA GLN A 48 13.33 10.75 2.81
C GLN A 48 13.12 9.23 2.82
N GLY A 49 12.95 8.64 1.64
CA GLY A 49 12.89 7.22 1.50
C GLY A 49 11.53 6.63 1.78
N ILE A 50 10.54 7.47 2.07
CA ILE A 50 9.19 6.94 2.40
C ILE A 50 8.33 6.97 1.16
N PRO A 51 7.98 5.79 0.60
CA PRO A 51 7.13 5.79 -0.59
C PRO A 51 5.68 6.22 -0.27
N TYR A 52 5.20 7.21 -0.98
CA TYR A 52 3.83 7.67 -0.78
C TYR A 52 3.05 7.57 -2.06
N PRO A 53 1.74 7.36 -1.97
CA PRO A 53 0.99 7.33 -3.20
C PRO A 53 0.96 8.68 -3.93
N ALA A 54 0.98 8.62 -5.26
CA ALA A 54 0.85 9.78 -6.14
C ALA A 54 -0.40 9.64 -7.01
N ALA A 55 -1.06 10.77 -7.25
CA ALA A 55 -2.30 10.74 -8.02
C ALA A 55 -2.42 12.01 -8.80
N GLY A 56 -2.88 11.92 -10.03
CA GLY A 56 -3.13 13.09 -10.82
C GLY A 56 -3.80 12.79 -12.13
N SER A 57 -3.47 13.60 -13.13
CA SER A 57 -4.19 13.54 -14.42
C SER A 57 -3.24 13.83 -15.53
N VAL A 58 -3.40 13.11 -16.63
CA VAL A 58 -2.70 13.38 -17.85
C VAL A 58 -3.69 13.56 -19.02
N SER A 59 -3.43 14.56 -19.85
CA SER A 59 -4.21 14.80 -21.07
C SER A 59 -3.20 15.05 -22.17
N PRO A 60 -3.66 15.18 -23.43
CA PRO A 60 -2.80 15.54 -24.55
C PRO A 60 -1.97 16.80 -24.29
N THR A 61 -2.47 17.72 -23.47
CA THR A 61 -1.84 19.04 -23.27
C THR A 61 -0.87 19.17 -22.07
N GLY A 62 -0.97 18.27 -21.10
CA GLY A 62 0.01 18.31 -20.02
C GLY A 62 -0.32 17.31 -18.96
N LEU A 63 0.32 17.45 -17.80
CA LEU A 63 -0.06 16.57 -16.68
C LEU A 63 0.12 17.31 -15.37
N TYR A 64 -0.55 16.85 -14.32
CA TYR A 64 -0.20 17.26 -12.96
C TYR A 64 -0.33 16.01 -12.07
N PHE A 65 0.30 16.05 -10.90
CA PHE A 65 0.11 15.01 -9.90
C PHE A 65 0.35 15.57 -8.50
N VAL A 66 -0.26 14.90 -7.52
CA VAL A 66 -0.17 15.30 -6.14
C VAL A 66 0.40 14.14 -5.32
N VAL A 67 1.24 14.47 -4.35
CA VAL A 67 1.72 13.52 -3.37
C VAL A 67 1.54 14.12 -1.98
N THR A 68 0.89 13.37 -1.10
CA THR A 68 0.68 13.74 0.30
CA THR A 68 0.75 13.82 0.28
C THR A 68 1.71 13.06 1.19
N PHE A 69 2.53 13.86 1.88
CA PHE A 69 3.58 13.35 2.75
C PHE A 69 3.05 13.37 4.17
N ALA A 70 2.33 12.32 4.53
CA ALA A 70 1.59 12.33 5.76
C ALA A 70 2.49 12.63 6.96
N GLN A 71 3.66 12.01 6.99
CA GLN A 71 4.50 12.14 8.18
C GLN A 71 5.10 13.54 8.35
N CYS A 72 5.00 14.35 7.29
CA CYS A 72 5.55 15.72 7.25
C CYS A 72 4.45 16.80 7.27
N ASN A 73 3.18 16.39 7.38
CA ASN A 73 2.08 17.33 7.40
C ASN A 73 2.09 18.26 6.17
N SER A 74 2.43 17.68 5.03
CA SER A 74 2.59 18.48 3.81
C SER A 74 2.11 17.70 2.60
N PHE A 75 1.83 18.43 1.51
CA PHE A 75 1.64 17.80 0.21
C PHE A 75 2.24 18.66 -0.89
N THR A 76 2.58 18.04 -2.03
CA THR A 76 3.11 18.78 -3.16
C THR A 76 2.29 18.54 -4.41
N ARG A 77 2.04 19.59 -5.21
CA ARG A 77 1.40 19.46 -6.51
C ARG A 77 2.41 19.82 -7.60
N TRP A 78 2.74 18.87 -8.49
CA TRP A 78 3.54 19.14 -9.69
C TRP A 78 2.65 19.39 -10.90
N VAL A 79 3.07 20.34 -11.74
CA VAL A 79 2.41 20.62 -13.00
CA VAL A 79 2.40 20.58 -13.02
C VAL A 79 3.47 20.66 -14.09
N GLY A 80 3.20 20.03 -15.24
CA GLY A 80 4.16 20.07 -16.31
C GLY A 80 3.68 19.43 -17.60
N THR A 81 4.65 19.01 -18.40
CA THR A 81 4.37 18.34 -19.65
C THR A 81 5.40 17.21 -19.83
N ILE A 82 5.19 16.38 -20.84
CA ILE A 82 6.14 15.32 -21.18
C ILE A 82 6.61 15.56 -22.58
N LYS A 83 7.92 15.69 -22.76
CA LYS A 83 8.52 15.66 -24.09
C LYS A 83 9.43 14.44 -24.15
N GLY A 84 8.88 13.34 -24.62
CA GLY A 84 9.59 12.07 -24.75
C GLY A 84 9.99 11.45 -23.42
N SER A 85 11.28 11.46 -23.13
CA SER A 85 11.81 10.89 -21.87
CA SER A 85 11.79 10.89 -21.88
C SER A 85 12.05 11.98 -20.82
N GLN A 86 11.71 13.23 -21.14
CA GLN A 86 11.83 14.34 -20.21
C GLN A 86 10.45 14.82 -19.75
N MET A 87 10.32 15.10 -18.46
CA MET A 87 9.08 15.66 -17.92
C MET A 87 9.43 16.87 -17.06
N PRO A 88 9.51 18.08 -17.68
CA PRO A 88 9.82 19.27 -16.91
C PRO A 88 8.58 19.72 -16.16
N THR A 89 8.77 20.15 -14.91
CA THR A 89 7.66 20.54 -14.07
C THR A 89 7.94 21.68 -13.12
N SER A 90 6.87 22.25 -12.61
CA SER A 90 6.96 23.18 -11.49
CA SER A 90 7.00 23.15 -11.47
C SER A 90 6.11 22.61 -10.38
N TRP A 91 6.45 22.91 -9.14
CA TRP A 91 5.71 22.34 -8.02
C TRP A 91 5.49 23.39 -6.94
N THR A 92 4.44 23.15 -6.17
CA THR A 92 4.19 23.89 -4.94
CA THR A 92 4.15 23.89 -4.94
C THR A 92 3.99 22.91 -3.80
N LEU A 93 4.68 23.16 -2.69
CA LEU A 93 4.64 22.29 -1.51
C LEU A 93 3.85 23.07 -0.48
N PHE A 94 2.69 22.53 -0.10
CA PHE A 94 1.82 23.15 0.90
C PHE A 94 2.05 22.44 2.21
N TYR A 95 2.43 23.19 3.24
CA TYR A 95 2.68 22.51 4.52
C TYR A 95 2.01 23.23 5.69
N VAL A 96 1.62 22.47 6.71
CA VAL A 96 1.14 23.05 7.96
C VAL A 96 2.36 23.02 8.88
N ASP A 97 2.82 24.20 9.26
CA ASP A 97 4.04 24.29 10.06
C ASP A 97 3.84 23.91 11.54
N ASN A 98 4.92 24.02 12.32
CA ASN A 98 4.90 23.54 13.70
C ASN A 98 3.99 24.34 14.65
N LYS A 99 3.51 25.50 14.18
CA LYS A 99 2.56 26.32 14.94
C LYS A 99 1.16 26.26 14.34
N GLY A 100 0.97 25.35 13.38
CA GLY A 100 -0.35 25.13 12.76
C GLY A 100 -0.66 26.05 11.58
N LYS A 101 0.32 26.88 11.21
CA LYS A 101 0.14 27.84 10.12
C LYS A 101 0.35 27.20 8.75
N PRO A 102 -0.66 27.26 7.85
CA PRO A 102 -0.44 26.81 6.44
C PRO A 102 0.62 27.68 5.73
N SER A 103 1.60 27.06 5.09
CA SER A 103 2.63 27.81 4.36
C SER A 103 2.91 27.09 3.06
N ARG A 104 3.73 27.67 2.20
CA ARG A 104 4.02 27.06 0.92
C ARG A 104 5.45 27.33 0.54
N LEU A 105 5.96 26.46 -0.32
CA LEU A 105 7.27 26.62 -0.95
C LEU A 105 7.05 26.25 -2.41
N LYS A 106 7.91 26.73 -3.30
CA LYS A 106 7.74 26.45 -4.73
C LYS A 106 9.08 26.21 -5.36
N GLY A 107 9.09 25.39 -6.41
CA GLY A 107 10.34 25.21 -7.16
C GLY A 107 10.06 24.45 -8.44
N GLY A 108 11.14 23.99 -9.07
CA GLY A 108 11.03 23.20 -10.27
C GLY A 108 11.57 21.79 -10.11
N ASP A 109 11.20 20.91 -11.05
CA ASP A 109 11.79 19.59 -11.12
C ASP A 109 11.77 19.15 -12.57
N ILE A 110 12.81 18.43 -12.98
CA ILE A 110 12.78 17.81 -14.29
C ILE A 110 12.96 16.34 -14.02
N PHE A 111 11.92 15.54 -14.32
CA PHE A 111 12.05 14.11 -14.24
C PHE A 111 12.50 13.50 -15.57
N THR A 112 13.33 12.48 -15.47
CA THR A 112 13.85 11.74 -16.63
C THR A 112 13.46 10.29 -16.53
N ARG A 113 12.95 9.73 -17.63
CA ARG A 113 12.48 8.36 -17.60
C ARG A 113 13.66 7.39 -17.48
N VAL A 114 13.51 6.46 -16.56
CA VAL A 114 14.50 5.40 -16.32
C VAL A 114 14.12 4.12 -17.07
N TRP A 115 12.87 3.67 -16.89
CA TRP A 115 12.33 2.58 -17.67
C TRP A 115 10.84 2.76 -17.99
N LEU B 10 -15.95 17.79 -0.23
CA LEU B 10 -15.64 16.37 0.18
C LEU B 10 -14.86 16.30 1.49
N PRO B 11 -15.50 15.81 2.56
CA PRO B 11 -14.81 15.62 3.84
C PRO B 11 -13.69 14.58 3.70
N ALA B 12 -12.53 14.83 4.30
CA ALA B 12 -11.43 13.88 4.19
C ALA B 12 -10.55 14.00 5.44
N PRO B 13 -10.22 12.86 6.09
CA PRO B 13 -10.62 11.51 5.70
C PRO B 13 -12.12 11.30 5.93
N SER B 14 -12.69 10.38 5.15
CA SER B 14 -14.12 9.99 5.28
C SER B 14 -14.28 8.62 4.73
N TYR B 15 -15.40 7.95 5.05
CA TYR B 15 -15.53 6.56 4.71
C TYR B 15 -16.98 6.38 4.30
N TRP B 16 -17.14 5.71 3.17
CA TRP B 16 -18.43 5.61 2.46
C TRP B 16 -18.69 4.17 2.02
N LYS B 17 -19.96 3.75 2.00
CA LYS B 17 -20.27 2.43 1.42
C LYS B 17 -21.38 2.60 0.40
N ASN B 18 -21.40 1.77 -0.64
CA ASN B 18 -22.46 1.90 -1.67
C ASN B 18 -23.51 0.85 -1.42
N GLU B 19 -24.54 0.85 -2.24
CA GLU B 19 -25.69 -0.06 -1.99
C GLU B 19 -25.34 -1.54 -2.23
N ARG B 20 -24.24 -1.77 -2.94
CA ARG B 20 -23.72 -3.10 -3.23
C ARG B 20 -22.87 -3.69 -2.09
N GLY B 21 -22.44 -2.84 -1.15
CA GLY B 21 -21.63 -3.27 -0.04
C GLY B 21 -20.18 -2.79 -0.19
N SER B 22 -19.87 -2.18 -1.32
CA SER B 22 -18.44 -1.82 -1.56
C SER B 22 -18.03 -0.63 -0.70
N GLU B 23 -16.72 -0.47 -0.45
CA GLU B 23 -16.25 0.49 0.56
C GLU B 23 -15.30 1.46 -0.11
N LEU B 24 -15.48 2.74 0.17
CA LEU B 24 -14.61 3.79 -0.35
C LEU B 24 -14.08 4.58 0.81
N LEU B 25 -12.75 4.62 0.95
CA LEU B 25 -12.12 5.35 2.04
C LEU B 25 -11.44 6.51 1.37
N ILE B 26 -11.84 7.74 1.70
CA ILE B 26 -11.21 8.90 1.11
C ILE B 26 -10.23 9.39 2.17
N TRP B 27 -8.94 9.27 1.90
CA TRP B 27 -7.95 9.66 2.85
C TRP B 27 -7.65 11.16 2.81
N SER B 28 -7.50 11.70 1.61
CA SER B 28 -7.15 13.11 1.45
C SER B 28 -7.81 13.67 0.22
N ALA B 29 -7.95 14.99 0.18
CA ALA B 29 -8.42 15.64 -1.01
C ALA B 29 -7.63 16.90 -1.26
N ASN B 30 -6.32 16.78 -1.06
CA ASN B 30 -5.44 17.93 -1.19
C ASN B 30 -5.41 18.51 -2.60
N SER B 31 -5.59 19.83 -2.64
CA SER B 31 -5.80 20.63 -3.87
C SER B 31 -6.81 20.03 -4.86
N GLY B 32 -7.85 19.39 -4.34
CA GLY B 32 -8.86 18.83 -5.22
C GLY B 32 -8.59 17.42 -5.71
N THR B 33 -7.41 16.87 -5.42
CA THR B 33 -7.03 15.53 -5.86
CA THR B 33 -7.09 15.51 -5.87
C THR B 33 -7.42 14.52 -4.79
N ILE B 34 -8.38 13.66 -5.10
CA ILE B 34 -8.80 12.63 -4.18
C ILE B 34 -7.79 11.50 -4.16
N GLN B 35 -7.46 11.05 -2.96
CA GLN B 35 -6.60 9.88 -2.74
C GLN B 35 -7.23 9.03 -1.65
N GLY B 36 -7.49 7.79 -1.97
CA GLY B 36 -7.97 6.83 -0.98
C GLY B 36 -7.86 5.41 -1.49
N THR B 37 -8.86 4.61 -1.09
CA THR B 37 -8.76 3.19 -1.25
C THR B 37 -10.19 2.68 -1.47
N PHE B 38 -10.36 1.77 -2.40
CA PHE B 38 -11.71 1.14 -2.66
C PHE B 38 -11.62 -0.36 -2.51
N THR B 39 -12.65 -0.99 -1.92
CA THR B 39 -12.64 -2.44 -1.86
C THR B 39 -14.01 -2.93 -2.33
N ASN B 40 -13.98 -3.73 -3.37
CA ASN B 40 -15.23 -4.20 -3.98
C ASN B 40 -15.83 -5.28 -3.12
N HIS B 41 -17.16 -5.22 -2.96
CA HIS B 41 -17.93 -6.28 -2.35
C HIS B 41 -19.20 -6.55 -3.15
N ALA B 42 -19.26 -6.05 -4.37
CA ALA B 42 -20.46 -6.15 -5.17
C ALA B 42 -20.68 -7.52 -5.76
N GLN B 43 -21.88 -8.05 -5.57
CA GLN B 43 -22.19 -9.28 -6.26
C GLN B 43 -22.23 -9.12 -7.77
N GLY B 44 -21.73 -10.14 -8.46
CA GLY B 44 -21.71 -10.16 -9.92
C GLY B 44 -20.38 -9.67 -10.46
N PHE B 45 -19.42 -9.36 -9.57
CA PHE B 45 -18.09 -8.84 -9.96
C PHE B 45 -16.97 -9.60 -9.24
N ALA B 46 -15.73 -9.39 -9.66
CA ALA B 46 -14.59 -10.11 -9.07
C ALA B 46 -13.79 -9.19 -8.16
N CYS B 47 -12.56 -9.62 -7.83
CA CYS B 47 -11.70 -8.84 -6.93
C CYS B 47 -12.42 -8.45 -5.63
N GLN B 48 -13.27 -9.37 -5.13
CA GLN B 48 -13.94 -9.19 -3.86
C GLN B 48 -12.91 -9.09 -2.73
N GLY B 49 -13.04 -8.02 -1.96
CA GLY B 49 -12.31 -7.80 -0.73
C GLY B 49 -10.87 -7.42 -0.91
N ILE B 50 -10.46 -7.08 -2.13
CA ILE B 50 -9.05 -6.62 -2.33
C ILE B 50 -9.04 -5.11 -2.34
N PRO B 51 -8.37 -4.47 -1.35
CA PRO B 51 -8.31 -3.01 -1.37
C PRO B 51 -7.39 -2.52 -2.47
N TYR B 52 -7.88 -1.59 -3.28
CA TYR B 52 -7.07 -1.00 -4.33
C TYR B 52 -7.05 0.51 -4.19
N PRO B 53 -5.97 1.15 -4.66
CA PRO B 53 -5.95 2.60 -4.62
C PRO B 53 -7.02 3.25 -5.47
N ALA B 54 -7.54 4.38 -5.00
CA ALA B 54 -8.49 5.20 -5.76
C ALA B 54 -7.91 6.58 -5.94
N ALA B 55 -8.12 7.16 -7.10
CA ALA B 55 -7.59 8.49 -7.38
C ALA B 55 -8.62 9.25 -8.19
N GLY B 56 -8.77 10.54 -7.91
CA GLY B 56 -9.64 11.35 -8.77
C GLY B 56 -9.60 12.79 -8.38
N SER B 57 -10.70 13.49 -8.63
CA SER B 57 -10.73 14.96 -8.50
C SER B 57 -12.07 15.38 -7.98
N VAL B 58 -12.07 16.39 -7.12
CA VAL B 58 -13.33 16.98 -6.61
C VAL B 58 -13.30 18.50 -6.84
N SER B 59 -14.44 19.07 -7.18
CA SER B 59 -14.57 20.54 -7.25
C SER B 59 -15.99 20.87 -6.83
N PRO B 60 -16.34 22.18 -6.78
CA PRO B 60 -17.69 22.56 -6.35
C PRO B 60 -18.77 21.94 -7.24
N THR B 61 -18.36 21.51 -8.42
CA THR B 61 -19.21 21.05 -9.50
C THR B 61 -19.56 19.54 -9.40
N GLY B 62 -18.68 18.78 -8.77
CA GLY B 62 -18.89 17.35 -8.63
C GLY B 62 -17.54 16.70 -8.44
N LEU B 63 -17.48 15.40 -8.71
CA LEU B 63 -16.27 14.62 -8.51
C LEU B 63 -16.21 13.41 -9.46
N TYR B 64 -15.01 12.91 -9.67
CA TYR B 64 -14.87 11.61 -10.27
C TYR B 64 -13.73 10.90 -9.54
N PHE B 65 -13.69 9.59 -9.67
CA PHE B 65 -12.56 8.81 -9.21
C PHE B 65 -12.40 7.50 -10.00
N VAL B 66 -11.16 7.05 -10.07
CA VAL B 66 -10.81 5.84 -10.81
C VAL B 66 -10.20 4.84 -9.85
N VAL B 67 -10.54 3.57 -10.03
CA VAL B 67 -9.93 2.47 -9.29
C VAL B 67 -9.50 1.43 -10.32
N THR B 68 -8.23 1.04 -10.25
CA THR B 68 -7.69 -0.01 -11.10
CA THR B 68 -7.69 -0.02 -11.09
C THR B 68 -7.65 -1.33 -10.33
N PHE B 69 -8.38 -2.34 -10.88
CA PHE B 69 -8.43 -3.67 -10.28
C PHE B 69 -7.44 -4.60 -11.00
N ALA B 70 -6.20 -4.56 -10.53
CA ALA B 70 -5.09 -5.16 -11.26
C ALA B 70 -5.33 -6.63 -11.54
N GLN B 71 -5.87 -7.36 -10.56
CA GLN B 71 -6.05 -8.81 -10.65
CA GLN B 71 -6.00 -8.80 -10.70
C GLN B 71 -7.16 -9.23 -11.61
N CYS B 72 -8.01 -8.27 -11.98
CA CYS B 72 -9.14 -8.52 -12.87
C CYS B 72 -8.90 -7.87 -14.26
N ASN B 73 -7.72 -7.26 -14.46
CA ASN B 73 -7.40 -6.54 -15.71
CA ASN B 73 -7.42 -6.57 -15.72
C ASN B 73 -8.52 -5.56 -16.09
N SER B 74 -9.03 -4.86 -15.10
CA SER B 74 -10.06 -3.86 -15.34
C SER B 74 -9.80 -2.58 -14.55
N PHE B 75 -10.52 -1.52 -14.91
CA PHE B 75 -10.64 -0.35 -14.04
C PHE B 75 -12.01 0.26 -14.16
N THR B 76 -12.42 0.99 -13.13
CA THR B 76 -13.70 1.68 -13.18
C THR B 76 -13.54 3.15 -12.92
N ARG B 77 -14.26 3.97 -13.69
CA ARG B 77 -14.32 5.41 -13.43
C ARG B 77 -15.72 5.74 -12.93
N TRP B 78 -15.84 6.34 -11.74
CA TRP B 78 -17.13 6.88 -11.26
C TRP B 78 -17.19 8.39 -11.50
N VAL B 79 -18.35 8.90 -11.90
CA VAL B 79 -18.58 10.35 -11.96
CA VAL B 79 -18.59 10.34 -11.96
C VAL B 79 -19.85 10.69 -11.18
N GLY B 80 -19.80 11.76 -10.39
CA GLY B 80 -21.00 12.16 -9.68
C GLY B 80 -20.91 13.48 -8.94
N THR B 81 -21.74 13.54 -7.92
CA THR B 81 -21.85 14.71 -7.06
C THR B 81 -21.95 14.29 -5.60
N ILE B 82 -21.79 15.27 -4.69
CA ILE B 82 -21.93 15.05 -3.25
C ILE B 82 -23.06 15.93 -2.77
N LYS B 83 -23.99 15.33 -2.06
CA LYS B 83 -25.07 16.10 -1.46
C LYS B 83 -25.09 15.66 0.00
N GLY B 84 -24.34 16.34 0.88
CA GLY B 84 -24.30 15.95 2.29
C GLY B 84 -23.72 14.55 2.46
N SER B 85 -24.52 13.62 2.98
N SER B 85 -24.47 13.61 3.02
CA SER B 85 -24.04 12.28 3.30
CA SER B 85 -23.91 12.29 3.25
C SER B 85 -24.18 11.32 2.11
C SER B 85 -24.32 11.29 2.16
N GLN B 86 -24.78 11.81 1.02
CA GLN B 86 -25.08 11.00 -0.18
C GLN B 86 -24.17 11.37 -1.35
N MET B 87 -23.73 10.36 -2.10
CA MET B 87 -22.88 10.58 -3.27
C MET B 87 -23.40 9.73 -4.44
N PRO B 88 -24.36 10.28 -5.24
CA PRO B 88 -24.88 9.54 -6.38
C PRO B 88 -23.87 9.62 -7.52
N THR B 89 -23.67 8.48 -8.19
CA THR B 89 -22.69 8.40 -9.25
C THR B 89 -23.18 7.48 -10.35
N SER B 90 -22.49 7.59 -11.48
CA SER B 90 -22.59 6.63 -12.57
CA SER B 90 -22.59 6.59 -12.51
C SER B 90 -21.17 6.17 -12.79
N TRP B 91 -21.01 4.94 -13.28
CA TRP B 91 -19.66 4.41 -13.51
C TRP B 91 -19.57 3.66 -14.83
N THR B 92 -18.35 3.57 -15.35
CA THR B 92 -18.05 2.73 -16.49
C THR B 92 -16.86 1.88 -16.08
N LEU B 93 -16.99 0.56 -16.26
N LEU B 93 -17.00 0.58 -16.32
CA LEU B 93 -15.94 -0.42 -15.96
CA LEU B 93 -15.97 -0.39 -16.03
C LEU B 93 -15.27 -0.87 -17.27
C LEU B 93 -15.31 -0.74 -17.35
N PHE B 94 -14.01 -0.50 -17.44
CA PHE B 94 -13.28 -0.82 -18.66
C PHE B 94 -12.46 -2.07 -18.42
N TYR B 95 -12.66 -3.10 -19.25
CA TYR B 95 -11.91 -4.31 -19.00
C TYR B 95 -11.33 -4.92 -20.27
N VAL B 96 -10.18 -5.56 -20.13
CA VAL B 96 -9.58 -6.33 -21.20
C VAL B 96 -9.98 -7.75 -20.94
N ASP B 97 -10.72 -8.32 -21.90
CA ASP B 97 -11.27 -9.65 -21.69
C ASP B 97 -10.22 -10.76 -21.92
N ASN B 98 -10.66 -12.01 -21.72
CA ASN B 98 -9.77 -13.17 -21.77
C ASN B 98 -9.15 -13.42 -23.15
N LYS B 99 -9.66 -12.71 -24.17
CA LYS B 99 -9.13 -12.80 -25.54
C LYS B 99 -8.36 -11.55 -25.89
N GLY B 100 -8.18 -10.66 -24.92
CA GLY B 100 -7.39 -9.45 -25.11
C GLY B 100 -8.19 -8.27 -25.64
N LYS B 101 -9.52 -8.42 -25.77
CA LYS B 101 -10.38 -7.40 -26.34
C LYS B 101 -10.85 -6.39 -25.28
N PRO B 102 -10.65 -5.08 -25.52
CA PRO B 102 -11.21 -4.09 -24.59
C PRO B 102 -12.75 -4.03 -24.64
N SER B 103 -13.39 -4.13 -23.49
CA SER B 103 -14.84 -4.07 -23.42
C SER B 103 -15.22 -3.17 -22.26
N ARG B 104 -16.52 -2.93 -22.09
CA ARG B 104 -16.97 -2.03 -21.05
C ARG B 104 -18.33 -2.39 -20.54
N LEU B 105 -18.58 -2.05 -19.28
CA LEU B 105 -19.87 -2.25 -18.62
C LEU B 105 -20.20 -0.93 -17.94
N LYS B 106 -21.48 -0.68 -17.73
CA LYS B 106 -21.92 0.59 -17.16
C LYS B 106 -22.97 0.38 -16.11
N GLY B 107 -23.00 1.27 -15.09
CA GLY B 107 -24.09 1.20 -14.13
C GLY B 107 -24.11 2.40 -13.22
N GLY B 108 -24.87 2.29 -12.14
CA GLY B 108 -24.94 3.38 -11.15
C GLY B 108 -24.44 2.94 -9.80
N ASP B 109 -24.10 3.91 -8.94
CA ASP B 109 -23.83 3.60 -7.55
C ASP B 109 -24.27 4.81 -6.71
N ILE B 110 -24.74 4.55 -5.51
CA ILE B 110 -24.99 5.62 -4.56
C ILE B 110 -24.19 5.31 -3.33
N PHE B 111 -23.22 6.16 -3.02
CA PHE B 111 -22.40 5.99 -1.83
C PHE B 111 -23.01 6.81 -0.69
N THR B 112 -23.03 6.25 0.51
CA THR B 112 -23.52 6.94 1.71
C THR B 112 -22.40 7.00 2.74
N ARG B 113 -22.24 8.16 3.36
CA ARG B 113 -21.11 8.35 4.27
C ARG B 113 -21.38 7.62 5.57
N VAL B 114 -20.37 6.87 6.00
CA VAL B 114 -20.39 6.10 7.23
C VAL B 114 -19.71 6.90 8.35
N TRP B 115 -18.53 7.44 8.06
CA TRP B 115 -17.91 8.33 9.02
C TRP B 115 -17.12 9.42 8.34
N LEU C 10 -1.72 -23.00 4.81
CA LEU C 10 -2.37 -21.65 4.65
C LEU C 10 -2.49 -21.22 3.18
N PRO C 11 -3.70 -21.30 2.63
CA PRO C 11 -3.94 -20.90 1.25
C PRO C 11 -3.69 -19.41 1.03
N ALA C 12 -3.04 -19.08 -0.07
CA ALA C 12 -2.81 -17.69 -0.44
C ALA C 12 -2.79 -17.57 -1.95
N PRO C 13 -3.42 -16.52 -2.51
CA PRO C 13 -4.20 -15.49 -1.81
C PRO C 13 -5.49 -16.09 -1.30
N SER C 14 -5.96 -15.59 -0.15
CA SER C 14 -7.22 -16.04 0.37
C SER C 14 -7.79 -14.90 1.19
N TYR C 15 -9.08 -15.00 1.50
CA TYR C 15 -9.80 -13.91 2.11
C TYR C 15 -10.69 -14.46 3.19
N TRP C 16 -10.67 -13.77 4.34
CA TRP C 16 -11.24 -14.28 5.58
C TRP C 16 -11.98 -13.17 6.31
N LYS C 17 -13.05 -13.55 7.01
CA LYS C 17 -13.84 -12.59 7.79
C LYS C 17 -14.09 -13.16 9.19
N ASN C 18 -13.98 -12.34 10.24
CA ASN C 18 -14.23 -12.85 11.58
C ASN C 18 -15.66 -12.51 12.00
N GLU C 19 -16.04 -12.94 13.19
CA GLU C 19 -17.43 -12.78 13.65
C GLU C 19 -17.81 -11.31 13.97
N ARG C 20 -16.81 -10.42 14.04
CA ARG C 20 -17.03 -8.98 14.27
C ARG C 20 -17.19 -8.24 12.94
N GLY C 21 -16.93 -8.94 11.85
CA GLY C 21 -17.08 -8.42 10.48
C GLY C 21 -15.75 -7.92 9.88
N SER C 22 -14.66 -8.04 10.64
CA SER C 22 -13.36 -7.53 10.13
C SER C 22 -12.85 -8.44 9.02
N GLU C 23 -12.02 -7.92 8.12
CA GLU C 23 -11.63 -8.66 6.92
C GLU C 23 -10.13 -8.83 6.88
N LEU C 24 -9.69 -10.08 6.64
CA LEU C 24 -8.28 -10.41 6.54
C LEU C 24 -8.02 -10.99 5.15
N LEU C 25 -7.21 -10.27 4.39
CA LEU C 25 -6.80 -10.70 3.08
C LEU C 25 -5.40 -11.23 3.23
N ILE C 26 -5.23 -12.51 2.94
CA ILE C 26 -3.86 -13.06 2.88
C ILE C 26 -3.39 -13.08 1.43
N TRP C 27 -2.40 -12.25 1.09
CA TRP C 27 -1.97 -12.16 -0.30
C TRP C 27 -0.92 -13.21 -0.67
N SER C 28 0.02 -13.41 0.24
CA SER C 28 1.04 -14.42 0.04
C SER C 28 1.45 -15.06 1.36
N ALA C 29 1.96 -16.29 1.26
CA ALA C 29 2.54 -16.97 2.41
C ALA C 29 3.93 -17.53 2.04
N ASN C 30 4.64 -16.78 1.20
CA ASN C 30 5.96 -17.20 0.68
C ASN C 30 6.99 -17.43 1.77
N SER C 31 7.66 -18.57 1.72
CA SER C 31 8.60 -19.04 2.76
C SER C 31 8.04 -18.95 4.20
N GLY C 32 6.74 -19.21 4.34
CA GLY C 32 6.08 -19.20 5.64
C GLY C 32 5.79 -17.84 6.23
N THR C 33 6.07 -16.78 5.50
CA THR C 33 5.78 -15.45 6.02
CA THR C 33 5.80 -15.44 6.00
C THR C 33 4.46 -14.99 5.44
N ILE C 34 3.55 -14.59 6.32
CA ILE C 34 2.24 -14.09 5.95
C ILE C 34 2.34 -12.61 5.59
N GLN C 35 1.81 -12.26 4.44
CA GLN C 35 1.72 -10.87 4.01
CA GLN C 35 1.75 -10.88 3.98
C GLN C 35 0.33 -10.64 3.48
N GLY C 36 -0.35 -9.67 4.05
CA GLY C 36 -1.70 -9.37 3.59
C GLY C 36 -2.14 -8.04 4.10
N THR C 37 -3.46 -7.93 4.29
CA THR C 37 -4.09 -6.66 4.61
CA THR C 37 -4.06 -6.65 4.69
C THR C 37 -5.26 -6.96 5.56
N PHE C 38 -5.43 -6.16 6.60
CA PHE C 38 -6.54 -6.35 7.53
C PHE C 38 -7.35 -5.08 7.58
N THR C 39 -8.68 -5.17 7.60
CA THR C 39 -9.43 -3.97 7.87
C THR C 39 -10.46 -4.20 8.95
N ASN C 40 -10.35 -3.42 10.02
CA ASN C 40 -11.25 -3.53 11.14
C ASN C 40 -12.65 -3.04 10.82
N HIS C 41 -13.64 -3.81 11.25
CA HIS C 41 -15.05 -3.42 11.19
C HIS C 41 -15.75 -3.71 12.51
N ALA C 42 -15.00 -3.84 13.60
CA ALA C 42 -15.54 -4.34 14.86
C ALA C 42 -16.17 -3.24 15.69
N GLN C 43 -17.41 -3.47 16.13
CA GLN C 43 -18.09 -2.56 17.03
C GLN C 43 -17.25 -2.37 18.28
N GLY C 44 -17.12 -1.12 18.72
CA GLY C 44 -16.42 -0.79 19.97
C GLY C 44 -14.97 -0.37 19.74
N PHE C 45 -14.49 -0.62 18.51
CA PHE C 45 -13.10 -0.32 18.18
C PHE C 45 -12.99 0.78 17.13
N ALA C 46 -11.79 1.34 16.97
CA ALA C 46 -11.56 2.47 16.08
C ALA C 46 -10.97 2.01 14.74
N CYS C 47 -10.51 2.97 13.93
CA CYS C 47 -9.89 2.67 12.64
C CYS C 47 -10.79 1.79 11.79
N GLN C 48 -12.10 2.01 11.91
CA GLN C 48 -13.03 1.24 11.10
C GLN C 48 -12.91 1.53 9.61
N GLY C 49 -12.88 0.46 8.80
CA GLY C 49 -12.68 0.55 7.36
C GLY C 49 -11.32 1.00 6.85
N ILE C 50 -10.32 1.12 7.71
CA ILE C 50 -8.98 1.53 7.22
C ILE C 50 -8.15 0.27 7.00
N PRO C 51 -7.78 -0.04 5.74
CA PRO C 51 -6.97 -1.23 5.50
C PRO C 51 -5.52 -1.01 5.92
N TYR C 52 -4.96 -1.92 6.72
CA TYR C 52 -3.57 -1.82 7.16
C TYR C 52 -2.84 -3.11 6.83
N PRO C 53 -1.50 -3.03 6.61
CA PRO C 53 -0.75 -4.26 6.33
C PRO C 53 -0.82 -5.23 7.50
N ALA C 54 -0.88 -6.50 7.17
CA ALA C 54 -0.81 -7.56 8.16
C ALA C 54 0.45 -8.36 7.85
N ALA C 55 1.21 -8.71 8.88
CA ALA C 55 2.42 -9.50 8.71
C ALA C 55 2.50 -10.54 9.80
N GLY C 56 2.98 -11.71 9.42
CA GLY C 56 3.10 -12.79 10.37
C GLY C 56 3.88 -13.96 9.87
N SER C 57 3.61 -15.11 10.48
CA SER C 57 4.29 -16.37 10.16
CA SER C 57 4.30 -16.37 10.18
C SER C 57 3.37 -17.56 10.34
N VAL C 58 3.57 -18.57 9.50
CA VAL C 58 2.82 -19.82 9.56
C VAL C 58 3.80 -20.96 9.64
N SER C 59 3.48 -21.92 10.49
CA SER C 59 4.28 -23.12 10.69
C SER C 59 3.30 -24.28 10.72
N PRO C 60 3.82 -25.54 10.73
CA PRO C 60 2.90 -26.69 10.71
C PRO C 60 1.96 -26.72 11.92
N THR C 61 2.31 -26.01 13.00
CA THR C 61 1.53 -26.11 14.23
C THR C 61 0.60 -24.94 14.53
N GLY C 62 0.82 -23.82 13.84
CA GLY C 62 0.05 -22.61 14.13
C GLY C 62 0.54 -21.43 13.32
N LEU C 63 -0.09 -20.28 13.54
CA LEU C 63 0.27 -19.04 12.87
C LEU C 63 0.10 -17.88 13.82
N TYR C 64 0.76 -16.77 13.52
CA TYR C 64 0.49 -15.53 14.19
C TYR C 64 0.61 -14.38 13.17
N PHE C 65 -0.02 -13.27 13.46
CA PHE C 65 0.12 -12.09 12.62
C PHE C 65 -0.13 -10.85 13.44
N VAL C 66 0.50 -9.74 13.03
CA VAL C 66 0.38 -8.45 13.70
C VAL C 66 -0.18 -7.44 12.70
N VAL C 67 -1.07 -6.57 13.17
CA VAL C 67 -1.54 -5.40 12.41
C VAL C 67 -1.35 -4.19 13.33
N THR C 68 -0.72 -3.17 12.77
CA THR C 68 -0.51 -1.90 13.45
CA THR C 68 -0.54 -1.91 13.49
C THR C 68 -1.53 -0.90 12.91
N PHE C 69 -2.42 -0.42 13.78
CA PHE C 69 -3.44 0.55 13.41
C PHE C 69 -2.88 1.95 13.61
N ALA C 70 -2.19 2.43 12.58
CA ALA C 70 -1.36 3.64 12.68
C ALA C 70 -2.13 4.85 13.22
N GLN C 71 -3.37 5.04 12.77
CA GLN C 71 -4.12 6.23 13.15
C GLN C 71 -4.63 6.16 14.58
N CYS C 72 -4.66 4.95 15.13
CA CYS C 72 -5.21 4.69 16.45
C CYS C 72 -4.07 4.50 17.47
N ASN C 73 -2.81 4.62 17.03
CA ASN C 73 -1.63 4.41 17.86
CA ASN C 73 -1.65 4.42 17.90
C ASN C 73 -1.75 3.12 18.69
N SER C 74 -2.15 2.04 18.02
CA SER C 74 -2.31 0.74 18.64
C SER C 74 -1.86 -0.36 17.68
N PHE C 75 -1.68 -1.56 18.20
CA PHE C 75 -1.44 -2.71 17.31
C PHE C 75 -1.97 -3.97 17.97
N THR C 76 -2.31 -4.97 17.17
CA THR C 76 -2.81 -6.23 17.70
C THR C 76 -1.98 -7.38 17.21
N ARG C 77 -1.76 -8.36 18.07
CA ARG C 77 -1.12 -9.62 17.68
C ARG C 77 -2.15 -10.76 17.80
N TRP C 78 -2.41 -11.48 16.71
CA TRP C 78 -3.29 -12.66 16.77
C TRP C 78 -2.38 -13.89 16.76
N VAL C 79 -2.76 -14.92 17.52
CA VAL C 79 -2.07 -16.21 17.44
CA VAL C 79 -2.07 -16.22 17.50
C VAL C 79 -3.13 -17.30 17.31
N GLY C 80 -2.92 -18.22 16.39
CA GLY C 80 -3.98 -19.24 16.24
C GLY C 80 -3.58 -20.40 15.38
N THR C 81 -4.58 -21.02 14.78
CA THR C 81 -4.36 -22.19 13.88
C THR C 81 -5.36 -22.16 12.73
N ILE C 82 -5.14 -23.05 11.75
CA ILE C 82 -6.07 -23.18 10.65
CA ILE C 82 -6.00 -23.21 10.57
C ILE C 82 -6.60 -24.61 10.57
N LYS C 83 -7.91 -24.71 10.66
CA LYS C 83 -8.58 -25.99 10.58
C LYS C 83 -9.53 -25.89 9.40
N GLY C 84 -9.01 -26.20 8.22
CA GLY C 84 -9.75 -26.08 6.96
C GLY C 84 -10.14 -24.64 6.67
N SER C 85 -11.43 -24.37 6.73
CA SER C 85 -11.99 -23.04 6.46
CA SER C 85 -11.91 -23.02 6.47
C SER C 85 -12.19 -22.21 7.75
N GLN C 86 -11.75 -22.74 8.89
CA GLN C 86 -11.82 -21.99 10.15
C GLN C 86 -10.42 -21.64 10.63
N MET C 87 -10.25 -20.43 11.16
CA MET C 87 -9.00 -20.01 11.77
C MET C 87 -9.33 -19.39 13.14
N PRO C 88 -9.32 -20.22 14.20
CA PRO C 88 -9.58 -19.71 15.54
C PRO C 88 -8.32 -19.11 16.12
N THR C 89 -8.48 -18.00 16.84
CA THR C 89 -7.34 -17.19 17.29
C THR C 89 -7.63 -16.52 18.62
N SER C 90 -6.55 -16.14 19.28
CA SER C 90 -6.64 -15.22 20.38
CA SER C 90 -6.64 -15.21 20.39
C SER C 90 -5.79 -14.03 20.01
N TRP C 91 -6.13 -12.87 20.54
CA TRP C 91 -5.45 -11.64 20.18
C TRP C 91 -5.18 -10.83 21.41
N THR C 92 -4.14 -10.00 21.34
CA THR C 92 -3.89 -8.98 22.36
CA THR C 92 -3.88 -8.98 22.34
C THR C 92 -3.76 -7.65 21.63
N LEU C 93 -4.52 -6.67 22.09
CA LEU C 93 -4.49 -5.30 21.54
C LEU C 93 -3.64 -4.44 22.46
N PHE C 94 -2.58 -3.84 21.92
CA PHE C 94 -1.71 -2.96 22.71
C PHE C 94 -2.05 -1.48 22.42
N TYR C 95 -2.33 -0.68 23.45
CA TYR C 95 -2.87 0.67 23.22
C TYR C 95 -2.62 1.61 24.41
N VAL C 96 -2.90 2.89 24.20
CA VAL C 96 -2.91 3.86 25.29
C VAL C 96 -4.37 4.21 25.52
N ASP C 97 -4.88 3.96 26.73
CA ASP C 97 -6.33 4.14 26.97
C ASP C 97 -6.79 5.61 27.08
N ASN C 98 -8.08 5.81 27.37
CA ASN C 98 -8.63 7.18 27.39
C ASN C 98 -8.12 8.03 28.55
N LYS C 99 -7.49 7.39 29.53
CA LYS C 99 -6.90 8.11 30.67
C LYS C 99 -5.37 8.16 30.57
N GLY C 100 -4.87 7.86 29.37
CA GLY C 100 -3.44 8.00 29.05
C GLY C 100 -2.53 6.88 29.56
N LYS C 101 -3.13 5.79 30.03
CA LYS C 101 -2.34 4.68 30.54
C LYS C 101 -2.09 3.58 29.48
N PRO C 102 -0.80 3.18 29.31
CA PRO C 102 -0.53 2.04 28.44
C PRO C 102 -1.36 0.86 28.90
N SER C 103 -1.94 0.15 27.96
CA SER C 103 -2.90 -0.91 28.26
CA SER C 103 -2.87 -0.93 28.28
C SER C 103 -2.80 -2.08 27.29
N ARG C 104 -3.29 -3.25 27.71
CA ARG C 104 -3.37 -4.40 26.85
C ARG C 104 -4.76 -4.97 27.04
N LEU C 105 -5.42 -5.31 25.96
CA LEU C 105 -6.71 -5.98 26.03
C LEU C 105 -6.60 -7.32 25.31
N LYS C 106 -7.13 -8.39 25.92
CA LYS C 106 -7.07 -9.71 25.32
C LYS C 106 -8.45 -10.16 24.90
N GLY C 107 -8.49 -10.96 23.84
CA GLY C 107 -9.77 -11.50 23.34
C GLY C 107 -9.58 -12.61 22.35
N GLY C 108 -10.69 -13.05 21.77
CA GLY C 108 -10.72 -14.14 20.77
C GLY C 108 -11.36 -13.67 19.47
N ASP C 109 -10.96 -14.28 18.36
CA ASP C 109 -11.61 -14.10 17.05
C ASP C 109 -11.58 -15.44 16.34
N ILE C 110 -12.68 -15.83 15.68
CA ILE C 110 -12.66 -16.93 14.73
C ILE C 110 -12.85 -16.38 13.33
N PHE C 111 -11.84 -16.54 12.48
CA PHE C 111 -11.98 -16.16 11.07
C PHE C 111 -12.50 -17.37 10.30
N THR C 112 -13.42 -17.09 9.37
CA THR C 112 -13.94 -18.08 8.42
C THR C 112 -13.58 -17.66 7.00
N ARG C 113 -13.06 -18.60 6.21
CA ARG C 113 -12.62 -18.26 4.86
C ARG C 113 -13.79 -17.92 3.94
N VAL C 114 -13.61 -16.87 3.14
CA VAL C 114 -14.64 -16.41 2.20
C VAL C 114 -14.30 -16.87 0.78
N TRP C 115 -13.04 -16.69 0.37
CA TRP C 115 -12.58 -17.33 -0.85
C TRP C 115 -11.11 -17.71 -0.73
N LEU D 10 15.84 -3.82 16.97
CA LEU D 10 15.52 -3.27 15.61
C LEU D 10 14.76 -1.95 15.71
N PRO D 11 15.43 -0.82 15.42
CA PRO D 11 14.79 0.49 15.53
C PRO D 11 13.74 0.61 14.44
N ALA D 12 12.65 1.29 14.76
CA ALA D 12 11.54 1.46 13.83
C ALA D 12 10.80 2.72 14.25
N PRO D 13 10.50 3.62 13.29
CA PRO D 13 10.87 3.53 11.87
C PRO D 13 12.35 3.73 11.67
N SER D 14 12.90 3.05 10.67
CA SER D 14 14.30 3.21 10.28
C SER D 14 14.41 2.92 8.80
N TYR D 15 15.49 3.41 8.21
CA TYR D 15 15.67 3.32 6.79
C TYR D 15 17.12 2.88 6.56
N TRP D 16 17.27 1.94 5.62
CA TRP D 16 18.52 1.20 5.39
C TRP D 16 18.74 1.03 3.90
N LYS D 17 20.01 1.01 3.49
CA LYS D 17 20.32 0.72 2.11
C LYS D 17 21.42 -0.35 2.06
N ASN D 18 21.40 -1.21 1.05
CA ASN D 18 22.46 -2.19 0.94
C ASN D 18 23.49 -1.76 -0.09
N GLU D 19 24.51 -2.60 -0.25
CA GLU D 19 25.63 -2.28 -1.16
C GLU D 19 25.23 -2.18 -2.64
N ARG D 20 24.07 -2.76 -3.00
CA ARG D 20 23.56 -2.74 -4.37
C ARG D 20 22.70 -1.50 -4.62
N GLY D 21 22.39 -0.76 -3.54
CA GLY D 21 21.63 0.47 -3.61
C GLY D 21 20.15 0.28 -3.32
N SER D 22 19.74 -0.95 -2.97
CA SER D 22 18.32 -1.24 -2.64
C SER D 22 17.96 -0.64 -1.29
N GLU D 23 16.67 -0.38 -1.04
CA GLU D 23 16.24 0.48 0.05
C GLU D 23 15.27 -0.31 0.88
N LEU D 24 15.50 -0.34 2.20
CA LEU D 24 14.66 -1.07 3.12
C LEU D 24 14.14 -0.09 4.16
N LEU D 25 12.84 0.11 4.17
CA LEU D 25 12.20 0.98 5.14
C LEU D 25 11.53 0.06 6.14
N ILE D 26 11.95 0.14 7.40
CA ILE D 26 11.28 -0.59 8.45
C ILE D 26 10.31 0.37 9.14
N TRP D 27 9.01 0.19 8.91
CA TRP D 27 8.03 1.12 9.49
C TRP D 27 7.66 0.79 10.96
N SER D 28 7.46 -0.47 11.27
CA SER D 28 7.25 -0.89 12.65
C SER D 28 7.90 -2.23 12.92
N ALA D 29 8.18 -2.47 14.21
CA ALA D 29 8.67 -3.76 14.66
C ALA D 29 7.85 -4.21 15.88
N ASN D 30 6.55 -3.93 15.84
CA ASN D 30 5.66 -4.24 16.97
C ASN D 30 5.53 -5.72 17.24
N SER D 31 5.76 -6.02 18.52
CA SER D 31 5.92 -7.38 19.04
C SER D 31 6.84 -8.25 18.20
N GLY D 32 7.95 -7.68 17.77
CA GLY D 32 8.94 -8.45 17.05
C GLY D 32 8.64 -8.83 15.60
N THR D 33 7.50 -8.37 15.08
CA THR D 33 7.16 -8.56 13.68
C THR D 33 7.58 -7.33 12.91
N ILE D 34 8.39 -7.54 11.87
CA ILE D 34 8.86 -6.47 11.03
C ILE D 34 7.84 -6.16 9.93
N GLN D 35 7.53 -4.88 9.78
CA GLN D 35 6.64 -4.43 8.71
CA GLN D 35 6.62 -4.41 8.74
C GLN D 35 7.24 -3.19 8.06
N GLY D 36 7.44 -3.26 6.75
CA GLY D 36 7.97 -2.08 6.06
C GLY D 36 7.88 -2.27 4.57
N THR D 37 8.86 -1.72 3.85
CA THR D 37 8.79 -1.68 2.41
CA THR D 37 8.81 -1.72 2.39
C THR D 37 10.22 -1.82 1.85
N PHE D 38 10.35 -2.53 0.72
CA PHE D 38 11.65 -2.74 0.10
C PHE D 38 11.57 -2.32 -1.35
N THR D 39 12.56 -1.60 -1.85
CA THR D 39 12.56 -1.34 -3.28
C THR D 39 13.91 -1.71 -3.86
N ASN D 40 13.87 -2.57 -4.88
CA ASN D 40 15.09 -3.09 -5.46
C ASN D 40 15.74 -2.02 -6.34
N HIS D 41 17.06 -1.86 -6.22
CA HIS D 41 17.81 -1.03 -7.16
C HIS D 41 19.05 -1.75 -7.68
N ALA D 42 19.09 -3.08 -7.50
CA ALA D 42 20.31 -3.86 -7.74
C ALA D 42 20.54 -4.20 -9.22
N GLN D 43 21.72 -3.87 -9.74
CA GLN D 43 22.02 -4.25 -11.12
C GLN D 43 21.99 -5.75 -11.26
N GLY D 44 21.43 -6.23 -12.37
CA GLY D 44 21.32 -7.66 -12.65
C GLY D 44 19.94 -8.21 -12.36
N PHE D 45 19.11 -7.41 -11.69
CA PHE D 45 17.80 -7.89 -11.22
C PHE D 45 16.65 -7.03 -11.72
N ALA D 46 15.43 -7.59 -11.67
CA ALA D 46 14.24 -6.93 -12.20
C ALA D 46 13.45 -6.16 -11.13
N CYS D 47 12.25 -5.68 -11.49
CA CYS D 47 11.42 -4.91 -10.58
C CYS D 47 12.15 -3.72 -9.96
N GLN D 48 12.99 -3.05 -10.74
CA GLN D 48 13.72 -1.92 -10.20
C GLN D 48 12.82 -0.74 -9.89
N GLY D 49 12.96 -0.20 -8.68
CA GLY D 49 12.23 0.98 -8.25
C GLY D 49 10.77 0.72 -7.91
N ILE D 50 10.37 -0.54 -7.87
CA ILE D 50 8.99 -0.87 -7.44
C ILE D 50 8.98 -1.22 -5.92
N PRO D 51 8.35 -0.36 -5.10
CA PRO D 51 8.26 -0.64 -3.68
C PRO D 51 7.30 -1.80 -3.40
N TYR D 52 7.76 -2.76 -2.61
CA TYR D 52 6.94 -3.92 -2.25
C TYR D 52 6.97 -4.07 -0.74
N PRO D 53 5.88 -4.62 -0.17
CA PRO D 53 5.87 -4.83 1.27
C PRO D 53 6.98 -5.78 1.71
N ALA D 54 7.51 -5.53 2.90
CA ALA D 54 8.43 -6.44 3.52
C ALA D 54 7.82 -6.86 4.84
N ALA D 55 7.98 -8.13 5.18
CA ALA D 55 7.41 -8.68 6.40
C ALA D 55 8.37 -9.71 6.93
N GLY D 56 8.57 -9.73 8.25
CA GLY D 56 9.34 -10.79 8.89
C GLY D 56 9.28 -10.71 10.40
N SER D 57 10.32 -11.24 11.05
CA SER D 57 10.41 -11.31 12.53
C SER D 57 11.81 -11.00 13.03
N VAL D 58 11.88 -10.44 14.23
CA VAL D 58 13.17 -10.21 14.90
C VAL D 58 13.16 -10.77 16.32
N SER D 59 14.27 -11.40 16.70
CA SER D 59 14.42 -11.99 18.02
C SER D 59 15.86 -11.76 18.45
N PRO D 60 16.25 -12.24 19.66
CA PRO D 60 17.63 -12.07 20.12
C PRO D 60 18.70 -12.70 19.22
N THR D 61 18.40 -13.85 18.62
CA THR D 61 19.38 -14.61 17.83
C THR D 61 19.44 -14.16 16.36
N GLY D 62 18.60 -13.19 16.00
CA GLY D 62 18.64 -12.64 14.66
C GLY D 62 17.29 -12.23 14.12
N LEU D 63 17.25 -12.00 12.81
CA LEU D 63 16.03 -11.53 12.15
CA LEU D 63 16.01 -11.58 12.17
C LEU D 63 15.90 -12.16 10.77
N TYR D 64 14.71 -12.10 10.21
CA TYR D 64 14.55 -12.46 8.83
C TYR D 64 13.41 -11.63 8.27
N PHE D 65 13.38 -11.54 6.95
CA PHE D 65 12.26 -10.88 6.27
C PHE D 65 12.13 -11.37 4.83
N VAL D 66 10.90 -11.29 4.32
CA VAL D 66 10.61 -11.73 2.97
CA VAL D 66 10.55 -11.75 2.98
C VAL D 66 9.97 -10.57 2.19
N VAL D 67 10.31 -10.48 0.90
CA VAL D 67 9.71 -9.53 -0.05
C VAL D 67 9.30 -10.36 -1.27
N THR D 68 8.05 -10.21 -1.67
CA THR D 68 7.53 -10.86 -2.84
C THR D 68 7.46 -9.83 -3.97
N PHE D 69 8.23 -10.08 -5.01
CA PHE D 69 8.27 -9.18 -6.17
C PHE D 69 7.23 -9.63 -7.20
N ALA D 70 6.00 -9.16 -7.04
CA ALA D 70 4.86 -9.75 -7.75
C ALA D 70 4.99 -9.62 -9.26
N GLN D 71 5.50 -8.49 -9.75
CA GLN D 71 5.59 -8.29 -11.20
C GLN D 71 6.65 -9.18 -11.82
N CYS D 72 7.62 -9.60 -11.01
CA CYS D 72 8.70 -10.49 -11.43
C CYS D 72 8.44 -11.99 -11.13
N ASN D 73 7.29 -12.29 -10.51
CA ASN D 73 6.99 -13.64 -10.05
CA ASN D 73 7.00 -13.65 -10.07
C ASN D 73 8.17 -14.29 -9.32
N SER D 74 8.69 -13.58 -8.32
CA SER D 74 9.78 -14.12 -7.51
C SER D 74 9.58 -13.60 -6.09
N PHE D 75 10.32 -14.18 -5.15
CA PHE D 75 10.43 -13.62 -3.81
C PHE D 75 11.79 -13.97 -3.23
N THR D 76 12.17 -13.21 -2.20
CA THR D 76 13.47 -13.38 -1.57
C THR D 76 13.30 -13.41 -0.09
N ARG D 77 14.02 -14.31 0.57
CA ARG D 77 14.04 -14.31 2.03
C ARG D 77 15.44 -13.92 2.50
N TRP D 78 15.54 -12.89 3.35
CA TRP D 78 16.83 -12.51 3.94
C TRP D 78 16.88 -13.02 5.38
N VAL D 79 18.04 -13.50 5.78
CA VAL D 79 18.29 -13.92 7.15
C VAL D 79 19.51 -13.15 7.63
N GLY D 80 19.46 -12.56 8.83
CA GLY D 80 20.63 -11.86 9.33
C GLY D 80 20.58 -11.42 10.76
N THR D 81 21.40 -10.42 11.05
CA THR D 81 21.49 -9.85 12.40
C THR D 81 21.63 -8.33 12.32
N ILE D 82 21.38 -7.65 13.44
CA ILE D 82 21.68 -6.22 13.61
C ILE D 82 22.87 -6.11 14.54
N LYS D 83 23.80 -5.23 14.16
CA LYS D 83 24.94 -4.86 14.98
C LYS D 83 25.15 -3.39 14.73
N GLY D 84 24.49 -2.57 15.57
CA GLY D 84 24.58 -1.11 15.50
C GLY D 84 23.85 -0.63 14.27
N SER D 85 24.58 0.01 13.37
CA SER D 85 24.03 0.48 12.12
C SER D 85 24.35 -0.43 10.93
N GLN D 86 24.84 -1.64 11.23
CA GLN D 86 25.05 -2.67 10.22
C GLN D 86 24.03 -3.78 10.35
N MET D 87 23.54 -4.24 9.21
CA MET D 87 22.66 -5.40 9.19
C MET D 87 23.18 -6.34 8.09
N PRO D 88 24.15 -7.22 8.44
CA PRO D 88 24.66 -8.23 7.50
C PRO D 88 23.62 -9.34 7.33
N THR D 89 23.39 -9.74 6.09
CA THR D 89 22.38 -10.75 5.80
C THR D 89 22.87 -11.72 4.74
N SER D 90 22.17 -12.84 4.67
CA SER D 90 22.26 -13.73 3.53
CA SER D 90 22.27 -13.70 3.51
C SER D 90 20.86 -13.85 2.98
N TRP D 91 20.74 -14.05 1.68
CA TRP D 91 19.44 -14.14 1.03
C TRP D 91 19.33 -15.27 0.03
N THR D 92 18.09 -15.70 -0.19
CA THR D 92 17.79 -16.63 -1.27
CA THR D 92 17.79 -16.63 -1.26
C THR D 92 16.65 -16.05 -2.09
N LEU D 93 16.83 -16.00 -3.40
CA LEU D 93 15.83 -15.53 -4.33
C LEU D 93 15.25 -16.74 -5.00
N PHE D 94 13.94 -16.88 -4.87
CA PHE D 94 13.19 -17.95 -5.47
C PHE D 94 12.53 -17.43 -6.73
N TYR D 95 12.88 -18.03 -7.88
CA TYR D 95 12.36 -17.56 -9.16
C TYR D 95 12.25 -18.70 -10.19
N VAL D 96 11.76 -18.34 -11.36
CA VAL D 96 11.73 -19.23 -12.53
C VAL D 96 12.63 -18.59 -13.56
N ASP D 97 13.67 -19.32 -13.99
CA ASP D 97 14.72 -18.72 -14.80
C ASP D 97 14.30 -18.48 -16.26
N ASN D 98 15.20 -17.89 -17.04
CA ASN D 98 14.94 -17.61 -18.47
C ASN D 98 14.65 -18.85 -19.32
N LYS D 99 15.00 -20.03 -18.82
CA LYS D 99 14.72 -21.31 -19.51
C LYS D 99 13.47 -21.99 -18.96
N GLY D 100 12.68 -21.26 -18.16
CA GLY D 100 11.48 -21.83 -17.53
C GLY D 100 11.68 -22.81 -16.37
N LYS D 101 12.88 -22.85 -15.81
CA LYS D 101 13.16 -23.77 -14.71
C LYS D 101 13.10 -23.07 -13.33
N PRO D 102 12.35 -23.64 -12.35
CA PRO D 102 12.41 -23.09 -10.99
C PRO D 102 13.84 -23.14 -10.47
N SER D 103 14.23 -22.07 -9.79
CA SER D 103 15.62 -21.87 -9.41
CA SER D 103 15.62 -21.84 -9.43
C SER D 103 15.70 -21.14 -8.08
N ARG D 104 16.86 -21.20 -7.46
CA ARG D 104 17.13 -20.54 -6.20
C ARG D 104 18.52 -19.97 -6.34
N LEU D 105 18.66 -18.68 -6.08
CA LEU D 105 19.97 -18.04 -6.10
C LEU D 105 20.25 -17.53 -4.70
N LYS D 106 21.46 -17.79 -4.18
CA LYS D 106 21.87 -17.34 -2.85
C LYS D 106 22.90 -16.26 -2.99
N GLY D 107 22.85 -15.30 -2.06
CA GLY D 107 23.85 -14.25 -2.01
C GLY D 107 23.86 -13.64 -0.63
N GLY D 108 24.61 -12.54 -0.52
CA GLY D 108 24.77 -11.76 0.71
C GLY D 108 24.40 -10.32 0.43
N ASP D 109 23.92 -9.64 1.46
CA ASP D 109 23.64 -8.19 1.43
C ASP D 109 24.04 -7.62 2.78
N ILE D 110 24.75 -6.49 2.79
CA ILE D 110 24.98 -5.75 4.03
C ILE D 110 24.20 -4.45 3.94
N PHE D 111 23.21 -4.30 4.81
CA PHE D 111 22.44 -3.05 4.89
C PHE D 111 23.08 -2.12 5.91
N THR D 112 23.15 -0.85 5.56
CA THR D 112 23.62 0.17 6.47
C THR D 112 22.50 1.12 6.74
N ARG D 113 22.37 1.52 7.99
CA ARG D 113 21.32 2.43 8.37
C ARG D 113 21.58 3.82 7.83
N VAL D 114 20.52 4.41 7.31
CA VAL D 114 20.55 5.74 6.78
C VAL D 114 19.93 6.71 7.79
N TRP D 115 18.75 6.39 8.31
CA TRP D 115 18.18 7.13 9.43
C TRP D 115 17.38 6.21 10.33
#